data_6AA5
#
_entry.id   6AA5
#
_cell.length_a   67.086
_cell.length_b   67.086
_cell.length_c   141.016
_cell.angle_alpha   90.00
_cell.angle_beta   90.00
_cell.angle_gamma   90.00
#
_symmetry.space_group_name_H-M   'I 4 2 2'
#
loop_
_entity.id
_entity.type
_entity.pdbx_description
1 polymer '7,8-dihydro-8-oxoguanine triphosphatase'
2 non-polymer 5,9-dihydroxy-8-methoxy-2,2-dimethyl-7-(3-methylbut-2-en-1-yl)-3,4-dihydro-2H,6H-pyrano[3,2-b]xanthen-6-one
3 non-polymer 'ZINC ION'
4 non-polymer 'SULFATE ION'
5 water water
#
_entity_poly.entity_id   1
_entity_poly.type   'polypeptide(L)'
_entity_poly.pdbx_seq_one_letter_code
;MASRLYTLVLVLQPQRVLLGMKKRGFGAGRWNGFGGKVQEGETIEDGARRELQEESGLTVDALHKVGQIVFEFVGEPELM
DVHVFCTDSIQGTPVESDEMRPCWFQLDQIPFKDMWPDDSYWFPLLLQKKKFHGYFKFQGQDTILDYTLREVDTVLEHHH
HHH
;
_entity_poly.pdbx_strand_id   A
#
loop_
_chem_comp.id
_chem_comp.type
_chem_comp.name
_chem_comp.formula
MKU non-polymer 5,9-dihydroxy-8-methoxy-2,2-dimethyl-7-(3-methylbut-2-en-1-yl)-3,4-dihydro-2H,6H-pyrano[3,2-b]xanthen-6-one 'C24 H26 O6'
SO4 non-polymer 'SULFATE ION' 'O4 S -2'
ZN non-polymer 'ZINC ION' 'Zn 2'
#
# COMPACT_ATOMS: atom_id res chain seq x y z
N ALA A 2 11.66 9.10 14.88
CA ALA A 2 12.33 8.61 13.68
C ALA A 2 11.35 7.87 12.78
N SER A 3 10.87 8.53 11.72
CA SER A 3 9.94 7.89 10.81
C SER A 3 10.04 8.53 9.44
N ARG A 4 9.60 7.78 8.43
CA ARG A 4 9.45 8.28 7.08
C ARG A 4 8.02 8.01 6.62
N LEU A 5 7.51 8.89 5.77
CA LEU A 5 6.09 8.94 5.42
C LEU A 5 5.87 8.34 4.03
N TYR A 6 4.96 7.37 3.95
CA TYR A 6 4.71 6.64 2.71
C TYR A 6 3.21 6.47 2.49
N THR A 7 2.84 6.15 1.24
CA THR A 7 1.47 5.84 0.90
C THR A 7 1.40 4.50 0.20
N LEU A 8 0.24 3.85 0.31
CA LEU A 8 -0.04 2.62 -0.40
C LEU A 8 -1.49 2.67 -0.86
N VAL A 9 -1.73 2.43 -2.15
CA VAL A 9 -3.06 2.56 -2.73
C VAL A 9 -3.50 1.21 -3.28
N LEU A 10 -4.64 0.73 -2.82
CA LEU A 10 -5.22 -0.52 -3.30
C LEU A 10 -6.38 -0.20 -4.23
N VAL A 11 -6.31 -0.68 -5.46
CA VAL A 11 -7.37 -0.50 -6.44
C VAL A 11 -8.26 -1.73 -6.38
N LEU A 12 -9.50 -1.55 -5.91
CA LEU A 12 -10.34 -2.65 -5.45
C LEU A 12 -11.70 -2.56 -6.10
N GLN A 13 -12.10 -3.62 -6.83
CA GLN A 13 -13.43 -3.68 -7.41
C GLN A 13 -14.14 -4.91 -6.84
N PRO A 14 -15.42 -5.15 -7.15
CA PRO A 14 -16.13 -6.21 -6.40
C PRO A 14 -15.48 -7.58 -6.47
N GLN A 15 -15.11 -8.04 -7.65
CA GLN A 15 -14.47 -9.34 -7.79
C GLN A 15 -12.95 -9.32 -7.96
N ARG A 16 -12.31 -8.16 -7.99
CA ARG A 16 -10.92 -8.13 -8.42
C ARG A 16 -10.17 -6.97 -7.79
N VAL A 17 -8.84 -7.12 -7.76
CA VAL A 17 -7.92 -6.10 -7.26
C VAL A 17 -6.82 -5.89 -8.27
N LEU A 18 -6.46 -4.63 -8.52
CA LEU A 18 -5.36 -4.32 -9.42
C LEU A 18 -4.08 -4.21 -8.58
N LEU A 19 -3.12 -5.08 -8.85
CA LEU A 19 -1.84 -5.04 -8.17
C LEU A 19 -0.79 -4.67 -9.19
N GLY A 20 0.44 -4.53 -8.74
CA GLY A 20 1.49 -4.28 -9.71
C GLY A 20 2.77 -4.93 -9.28
N MET A 21 3.55 -5.31 -10.28
CA MET A 21 4.69 -6.17 -10.13
C MET A 21 5.90 -5.27 -10.23
N LYS A 22 6.75 -5.28 -9.21
CA LYS A 22 7.94 -4.47 -9.27
C LYS A 22 8.87 -5.07 -10.31
N LYS A 23 9.24 -4.27 -11.31
CA LYS A 23 9.90 -4.80 -12.49
C LYS A 23 11.41 -4.91 -12.35
N ARG A 24 11.99 -4.28 -11.34
CA ARG A 24 13.43 -4.19 -11.21
C ARG A 24 13.72 -3.45 -9.91
N GLY A 25 14.99 -3.47 -9.50
CA GLY A 25 15.37 -2.78 -8.29
C GLY A 25 14.81 -3.41 -7.05
N PHE A 26 14.54 -2.58 -6.05
CA PHE A 26 14.12 -3.06 -4.74
C PHE A 26 12.75 -3.72 -4.83
N GLY A 27 12.64 -4.93 -4.30
CA GLY A 27 11.38 -5.63 -4.26
C GLY A 27 10.96 -6.24 -5.57
N ALA A 28 11.85 -6.32 -6.56
CA ALA A 28 11.48 -6.88 -7.85
C ALA A 28 10.99 -8.31 -7.69
N GLY A 29 10.01 -8.67 -8.51
CA GLY A 29 9.41 -9.98 -8.43
C GLY A 29 8.24 -10.09 -7.49
N ARG A 30 7.87 -9.01 -6.81
CA ARG A 30 6.75 -9.02 -5.88
C ARG A 30 5.63 -8.11 -6.37
N TRP A 31 4.40 -8.58 -6.17
CA TRP A 31 3.19 -7.80 -6.43
C TRP A 31 2.84 -7.00 -5.18
N ASN A 32 2.31 -5.80 -5.39
CA ASN A 32 2.03 -4.89 -4.29
C ASN A 32 0.93 -3.93 -4.72
N GLY A 33 0.37 -3.23 -3.74
CA GLY A 33 -0.36 -2.02 -4.04
C GLY A 33 0.59 -0.98 -4.61
N PHE A 34 0.01 0.17 -4.96
CA PHE A 34 0.76 1.24 -5.60
C PHE A 34 1.11 2.29 -4.55
N GLY A 35 2.40 2.54 -4.35
CA GLY A 35 2.76 3.53 -3.36
C GLY A 35 4.23 3.87 -3.43
N GLY A 36 4.64 4.71 -2.49
CA GLY A 36 6.02 5.12 -2.37
C GLY A 36 6.15 6.21 -1.33
N LYS A 37 7.33 6.83 -1.30
CA LYS A 37 7.63 7.82 -0.29
C LYS A 37 6.93 9.14 -0.62
N VAL A 38 6.30 9.74 0.39
CA VAL A 38 5.76 11.08 0.22
C VAL A 38 6.91 12.08 0.15
N GLN A 39 6.93 12.87 -0.92
CA GLN A 39 8.01 13.82 -1.12
C GLN A 39 7.78 15.08 -0.30
N GLU A 40 8.87 15.76 0.02
CA GLU A 40 8.77 17.09 0.61
C GLU A 40 8.09 18.02 -0.37
N GLY A 41 7.26 18.92 0.16
CA GLY A 41 6.47 19.81 -0.67
C GLY A 41 5.17 19.23 -1.20
N GLU A 42 4.86 17.97 -0.90
CA GLU A 42 3.61 17.38 -1.34
C GLU A 42 2.83 16.81 -0.16
N THR A 43 1.50 16.90 -0.25
CA THR A 43 0.62 16.32 0.75
C THR A 43 0.58 14.80 0.61
N ILE A 44 0.12 14.14 1.67
CA ILE A 44 -0.02 12.69 1.67
C ILE A 44 -0.89 12.24 0.49
N GLU A 45 -2.03 12.90 0.29
CA GLU A 45 -2.96 12.44 -0.73
C GLU A 45 -2.48 12.78 -2.14
N ASP A 46 -1.77 13.89 -2.32
CA ASP A 46 -1.16 14.14 -3.62
C ASP A 46 -0.08 13.10 -3.91
N GLY A 47 0.66 12.68 -2.89
CA GLY A 47 1.64 11.63 -3.08
C GLY A 47 1.00 10.30 -3.44
N ALA A 48 -0.10 9.95 -2.77
CA ALA A 48 -0.80 8.71 -3.12
C ALA A 48 -1.31 8.77 -4.55
N ARG A 49 -1.87 9.91 -4.97
CA ARG A 49 -2.33 10.04 -6.34
C ARG A 49 -1.16 9.99 -7.32
N ARG A 50 -0.02 10.59 -6.95
CA ARG A 50 1.14 10.58 -7.81
C ARG A 50 1.69 9.17 -7.99
N GLU A 51 1.80 8.41 -6.90
CA GLU A 51 2.29 7.04 -6.98
C GLU A 51 1.41 6.20 -7.91
N LEU A 52 0.09 6.26 -7.69
CA LEU A 52 -0.83 5.51 -8.53
C LEU A 52 -0.71 5.92 -9.98
N GLN A 53 -0.61 7.22 -10.24
CA GLN A 53 -0.54 7.70 -11.62
C GLN A 53 0.77 7.27 -12.28
N GLU A 54 1.90 7.45 -11.59
CA GLU A 54 3.18 7.07 -12.21
C GLU A 54 3.26 5.56 -12.41
N GLU A 55 2.83 4.78 -11.41
CA GLU A 55 3.01 3.34 -11.48
C GLU A 55 1.96 2.63 -12.34
N SER A 56 0.67 2.98 -12.17
CA SER A 56 -0.37 2.35 -12.99
C SER A 56 -0.89 3.19 -14.16
N GLY A 57 -0.48 4.45 -14.29
CA GLY A 57 -1.14 5.32 -15.24
C GLY A 57 -2.57 5.69 -14.92
N LEU A 58 -3.06 5.44 -13.71
CA LEU A 58 -4.47 5.63 -13.37
C LEU A 58 -4.70 6.92 -12.58
N THR A 59 -5.86 7.53 -12.81
CA THR A 59 -6.37 8.62 -12.00
C THR A 59 -7.60 8.12 -11.25
N VAL A 60 -7.83 8.69 -10.05
CA VAL A 60 -8.97 8.31 -9.23
C VAL A 60 -9.74 9.54 -8.79
N ASP A 61 -11.05 9.35 -8.61
CA ASP A 61 -11.90 10.45 -8.14
C ASP A 61 -11.76 10.67 -6.64
N ALA A 62 -11.63 9.59 -5.87
CA ALA A 62 -11.51 9.73 -4.42
C ALA A 62 -10.69 8.57 -3.86
N LEU A 63 -10.02 8.85 -2.75
CA LEU A 63 -9.31 7.84 -1.98
C LEU A 63 -9.99 7.73 -0.62
N HIS A 64 -10.22 6.49 -0.16
CA HIS A 64 -10.74 6.23 1.16
C HIS A 64 -9.56 5.89 2.06
N LYS A 65 -9.55 6.39 3.29
CA LYS A 65 -8.46 6.06 4.19
C LYS A 65 -8.92 4.81 4.94
N VAL A 66 -8.35 3.67 4.56
CA VAL A 66 -8.72 2.40 5.19
C VAL A 66 -7.75 1.91 6.25
N GLY A 67 -6.57 2.48 6.38
CA GLY A 67 -5.59 1.82 7.20
C GLY A 67 -4.33 2.62 7.41
N GLN A 68 -3.64 2.27 8.49
CA GLN A 68 -2.35 2.82 8.85
C GLN A 68 -1.47 1.63 9.21
N ILE A 69 -0.32 1.52 8.55
CA ILE A 69 0.65 0.47 8.84
C ILE A 69 1.95 1.12 9.29
N VAL A 70 2.54 0.58 10.34
CA VAL A 70 3.88 0.99 10.79
C VAL A 70 4.82 -0.20 10.57
N PHE A 71 5.90 0.04 9.85
CA PHE A 71 6.95 -0.95 9.66
C PHE A 71 8.15 -0.60 10.53
N GLU A 72 8.72 -1.61 11.17
CA GLU A 72 9.97 -1.47 11.91
C GLU A 72 10.92 -2.54 11.41
N PHE A 73 12.18 -2.16 11.19
CA PHE A 73 13.20 -3.07 10.70
C PHE A 73 14.30 -3.15 11.74
N VAL A 74 14.61 -4.37 12.20
CA VAL A 74 15.60 -4.53 13.26
C VAL A 74 16.93 -3.91 12.85
N GLY A 75 17.55 -3.21 13.79
CA GLY A 75 18.77 -2.48 13.53
C GLY A 75 18.59 -1.11 12.94
N GLU A 76 17.38 -0.77 12.48
CA GLU A 76 17.11 0.54 11.90
C GLU A 76 16.22 1.33 12.85
N PRO A 77 16.66 2.51 13.31
CA PRO A 77 15.81 3.30 14.22
C PRO A 77 14.59 3.91 13.56
N GLU A 78 14.59 4.08 12.24
CA GLU A 78 13.57 4.86 11.56
C GLU A 78 12.43 3.95 11.08
N LEU A 79 11.23 4.21 11.58
CA LEU A 79 10.02 3.50 11.19
C LEU A 79 9.47 4.03 9.87
N MET A 80 8.71 3.19 9.19
CA MET A 80 7.93 3.61 8.02
C MET A 80 6.50 3.85 8.47
N ASP A 81 5.99 5.05 8.23
CA ASP A 81 4.60 5.39 8.52
C ASP A 81 3.87 5.34 7.19
N VAL A 82 3.07 4.30 6.99
CA VAL A 82 2.45 4.02 5.69
C VAL A 82 0.97 4.33 5.80
N HIS A 83 0.52 5.29 5.03
CA HIS A 83 -0.89 5.65 4.97
C HIS A 83 -1.52 4.84 3.84
N VAL A 84 -2.46 3.97 4.19
CA VAL A 84 -3.07 3.03 3.25
C VAL A 84 -4.41 3.58 2.79
N PHE A 85 -4.62 3.57 1.48
CA PHE A 85 -5.85 4.02 0.87
C PHE A 85 -6.38 2.95 -0.06
N CYS A 86 -7.69 2.95 -0.28
CA CYS A 86 -8.25 2.17 -1.36
C CYS A 86 -9.16 3.05 -2.21
N THR A 87 -9.36 2.64 -3.45
CA THR A 87 -10.23 3.37 -4.36
C THR A 87 -11.01 2.37 -5.20
N ASP A 88 -12.33 2.60 -5.29
CA ASP A 88 -13.21 1.81 -6.14
C ASP A 88 -13.21 2.30 -7.59
N SER A 89 -13.25 3.61 -7.80
CA SER A 89 -13.53 4.20 -9.10
C SER A 89 -12.25 4.76 -9.70
N ILE A 90 -11.81 4.19 -10.81
CA ILE A 90 -10.58 4.57 -11.48
C ILE A 90 -10.91 5.10 -12.87
N GLN A 91 -10.00 5.90 -13.40
CA GLN A 91 -10.11 6.45 -14.74
C GLN A 91 -8.81 6.22 -15.51
N GLY A 92 -8.94 5.84 -16.77
CA GLY A 92 -7.81 5.50 -17.61
C GLY A 92 -7.61 4.01 -17.71
N THR A 93 -6.74 3.62 -18.66
CA THR A 93 -6.41 2.21 -18.83
C THR A 93 -5.10 1.92 -18.12
N PRO A 94 -5.05 0.90 -17.27
CA PRO A 94 -3.82 0.60 -16.54
C PRO A 94 -2.69 0.25 -17.50
N VAL A 95 -1.53 0.86 -17.29
CA VAL A 95 -0.38 0.64 -18.17
C VAL A 95 0.87 0.68 -17.31
N GLU A 96 1.87 -0.11 -17.70
CA GLU A 96 3.08 -0.22 -16.89
C GLU A 96 3.98 1.00 -17.07
N SER A 97 4.77 1.25 -16.04
CA SER A 97 5.92 2.15 -16.09
C SER A 97 7.18 1.28 -16.10
N ASP A 98 8.34 1.94 -16.05
CA ASP A 98 9.59 1.19 -15.88
C ASP A 98 9.64 0.48 -14.53
N GLU A 99 8.97 1.03 -13.52
CA GLU A 99 8.99 0.43 -12.18
C GLU A 99 7.98 -0.70 -12.02
N MET A 100 6.76 -0.54 -12.54
CA MET A 100 5.63 -1.35 -12.09
C MET A 100 4.76 -1.73 -13.28
N ARG A 101 4.26 -2.98 -13.25
CA ARG A 101 3.27 -3.45 -14.24
C ARG A 101 1.96 -3.79 -13.55
N PRO A 102 0.87 -3.09 -13.83
CA PRO A 102 -0.41 -3.44 -13.20
C PRO A 102 -1.06 -4.66 -13.85
N CYS A 103 -1.72 -5.46 -13.02
CA CYS A 103 -2.47 -6.63 -13.48
CA CYS A 103 -2.51 -6.57 -13.52
C CYS A 103 -3.65 -6.84 -12.55
N TRP A 104 -4.78 -7.30 -13.10
CA TRP A 104 -5.96 -7.59 -12.29
C TRP A 104 -5.88 -9.01 -11.75
N PHE A 105 -6.32 -9.18 -10.49
CA PHE A 105 -6.37 -10.49 -9.86
C PHE A 105 -7.76 -10.69 -9.27
N GLN A 106 -8.36 -11.85 -9.56
CA GLN A 106 -9.58 -12.22 -8.85
C GLN A 106 -9.27 -12.34 -7.36
N LEU A 107 -10.24 -11.93 -6.51
CA LEU A 107 -9.93 -11.75 -5.10
C LEU A 107 -9.50 -13.05 -4.43
N ASP A 108 -10.10 -14.18 -4.79
CA ASP A 108 -9.69 -15.44 -4.22
C ASP A 108 -8.38 -15.97 -4.79
N GLN A 109 -7.84 -15.32 -5.82
CA GLN A 109 -6.57 -15.68 -6.45
C GLN A 109 -5.38 -14.81 -6.03
N ILE A 110 -5.56 -13.89 -5.07
CA ILE A 110 -4.48 -12.95 -4.71
C ILE A 110 -3.21 -13.72 -4.38
N PRO A 111 -1.97 -13.35 -5.04
CA PRO A 111 -0.78 -14.21 -4.93
C PRO A 111 0.09 -13.88 -3.73
N PHE A 112 -0.40 -14.23 -2.54
CA PHE A 112 0.27 -13.82 -1.31
C PHE A 112 1.71 -14.31 -1.22
N LYS A 113 2.01 -15.50 -1.76
CA LYS A 113 3.38 -16.00 -1.73
C LYS A 113 4.33 -15.08 -2.49
N ASP A 114 3.81 -14.36 -3.49
CA ASP A 114 4.57 -13.42 -4.31
C ASP A 114 4.45 -11.98 -3.83
N MET A 115 3.85 -11.73 -2.69
CA MET A 115 3.72 -10.38 -2.16
C MET A 115 4.54 -10.24 -0.88
N TRP A 116 4.58 -9.02 -0.33
CA TRP A 116 5.29 -8.83 0.92
C TRP A 116 4.57 -9.58 2.03
N PRO A 117 5.31 -10.12 3.02
CA PRO A 117 4.69 -11.03 3.99
C PRO A 117 3.58 -10.41 4.84
N ASP A 118 3.57 -9.10 5.04
CA ASP A 118 2.50 -8.52 5.87
C ASP A 118 1.14 -8.54 5.18
N ASP A 119 1.11 -8.64 3.85
CA ASP A 119 -0.17 -8.53 3.14
C ASP A 119 -1.15 -9.61 3.56
N SER A 120 -0.66 -10.82 3.85
CA SER A 120 -1.54 -11.90 4.29
C SER A 120 -2.30 -11.55 5.56
N TYR A 121 -1.77 -10.63 6.36
CA TYR A 121 -2.40 -10.25 7.62
C TYR A 121 -3.58 -9.31 7.41
N TRP A 122 -3.33 -8.13 6.84
CA TRP A 122 -4.35 -7.09 6.74
C TRP A 122 -5.20 -7.15 5.47
N PHE A 123 -4.80 -7.88 4.44
CA PHE A 123 -5.67 -8.02 3.27
C PHE A 123 -7.07 -8.53 3.60
N PRO A 124 -7.26 -9.53 4.48
CA PRO A 124 -8.64 -9.93 4.83
C PRO A 124 -9.47 -8.78 5.38
N LEU A 125 -8.87 -7.89 6.18
CA LEU A 125 -9.64 -6.75 6.70
C LEU A 125 -9.98 -5.77 5.59
N LEU A 126 -9.04 -5.55 4.66
CA LEU A 126 -9.30 -4.67 3.52
C LEU A 126 -10.48 -5.18 2.71
N LEU A 127 -10.46 -6.46 2.34
CA LEU A 127 -11.48 -7.03 1.48
C LEU A 127 -12.84 -7.14 2.18
N GLN A 128 -12.85 -7.11 3.51
CA GLN A 128 -14.10 -7.03 4.28
C GLN A 128 -14.60 -5.61 4.44
N LYS A 129 -13.90 -4.64 3.83
CA LYS A 129 -14.26 -3.22 3.87
C LYS A 129 -14.16 -2.64 5.28
N LYS A 130 -13.21 -3.13 6.07
CA LYS A 130 -13.00 -2.69 7.43
C LYS A 130 -11.70 -1.91 7.54
N LYS A 131 -11.70 -0.88 8.39
CA LYS A 131 -10.50 -0.08 8.63
C LYS A 131 -9.60 -0.77 9.66
N PHE A 132 -8.30 -0.49 9.59
CA PHE A 132 -7.37 -1.21 10.45
C PHE A 132 -6.16 -0.33 10.78
N HIS A 133 -5.48 -0.71 11.86
CA HIS A 133 -4.18 -0.18 12.23
C HIS A 133 -3.27 -1.37 12.47
N GLY A 134 -2.07 -1.34 11.90
CA GLY A 134 -1.20 -2.50 12.02
C GLY A 134 0.26 -2.10 12.10
N TYR A 135 1.04 -3.03 12.66
CA TYR A 135 2.45 -2.82 12.96
C TYR A 135 3.17 -4.12 12.65
N PHE A 136 4.30 -4.03 11.94
CA PHE A 136 5.04 -5.23 11.57
C PHE A 136 6.53 -4.97 11.74
N LYS A 137 7.18 -5.83 12.53
CA LYS A 137 8.61 -5.76 12.76
C LYS A 137 9.29 -6.78 11.85
N PHE A 138 10.10 -6.28 10.90
CA PHE A 138 10.72 -7.10 9.88
C PHE A 138 12.18 -7.39 10.22
N GLN A 139 12.63 -8.60 9.88
CA GLN A 139 14.06 -8.90 9.78
C GLN A 139 14.33 -9.23 8.32
N GLY A 140 15.02 -8.35 7.61
CA GLY A 140 15.14 -8.53 6.18
C GLY A 140 13.81 -8.36 5.49
N GLN A 141 13.77 -8.81 4.23
CA GLN A 141 12.56 -8.67 3.42
C GLN A 141 11.53 -9.77 3.66
N ASP A 142 11.97 -10.99 4.00
CA ASP A 142 11.07 -12.14 4.02
C ASP A 142 10.50 -12.50 5.39
N THR A 143 10.93 -11.84 6.46
CA THR A 143 10.72 -12.38 7.81
C THR A 143 10.08 -11.34 8.71
N ILE A 144 8.91 -11.67 9.26
CA ILE A 144 8.24 -10.85 10.26
C ILE A 144 8.59 -11.39 11.63
N LEU A 145 9.19 -10.54 12.46
CA LEU A 145 9.53 -10.96 13.83
C LEU A 145 8.33 -10.89 14.75
N ASP A 146 7.53 -9.83 14.65
CA ASP A 146 6.34 -9.66 15.47
C ASP A 146 5.40 -8.70 14.76
N TYR A 147 4.13 -8.73 15.18
CA TYR A 147 3.14 -7.88 14.54
C TYR A 147 2.01 -7.59 15.52
N THR A 148 1.33 -6.47 15.32
CA THR A 148 0.07 -6.16 15.96
C THR A 148 -0.89 -5.65 14.89
N LEU A 149 -2.11 -6.18 14.88
CA LEU A 149 -3.10 -5.78 13.90
C LEU A 149 -4.46 -5.68 14.59
N ARG A 150 -5.13 -4.54 14.42
CA ARG A 150 -6.43 -4.33 15.05
C ARG A 150 -7.36 -3.59 14.10
N GLU A 151 -8.61 -4.05 14.05
CA GLU A 151 -9.63 -3.32 13.33
C GLU A 151 -9.97 -2.04 14.09
N VAL A 152 -10.24 -0.96 13.36
CA VAL A 152 -10.57 0.32 13.94
C VAL A 152 -11.86 0.83 13.31
N ASP A 153 -12.58 1.66 14.06
CA ASP A 153 -13.81 2.26 13.56
C ASP A 153 -13.51 3.39 12.59
N THR A 154 -12.49 4.20 12.90
CA THR A 154 -12.04 5.26 12.02
C THR A 154 -10.52 5.31 12.06
N VAL A 155 -9.91 5.66 10.93
CA VAL A 155 -8.46 5.77 10.86
C VAL A 155 -8.02 7.01 11.62
N LEU A 156 -7.06 6.83 12.54
CA LEU A 156 -6.57 7.92 13.36
C LEU A 156 -5.77 8.91 12.52
N GLU A 157 -6.09 10.20 12.65
CA GLU A 157 -5.44 11.25 11.88
C GLU A 157 -4.11 11.66 12.55
N HIS A 158 -3.05 11.74 11.75
CA HIS A 158 -1.71 12.04 12.26
C HIS A 158 -1.37 13.52 12.27
N HIS A 159 -2.17 14.37 11.63
CA HIS A 159 -1.93 15.81 11.59
C HIS A 159 -0.51 16.14 11.14
N HIS A 160 -0.09 15.57 10.01
CA HIS A 160 1.20 15.97 9.46
C HIS A 160 1.03 17.36 8.86
N HIS A 161 1.78 18.33 9.37
CA HIS A 161 1.62 19.70 8.90
C HIS A 161 2.63 20.11 7.84
N HIS A 162 3.57 19.23 7.48
CA HIS A 162 4.39 19.42 6.29
C HIS A 162 3.86 18.66 5.08
N HIS A 163 2.77 17.91 5.24
CA HIS A 163 2.25 17.07 4.17
C HIS A 163 0.72 17.01 4.24
CAB MKU B . 5.46 0.46 -1.04
CAR MKU B . 5.88 0.90 0.38
CAC MKU B . 5.40 2.25 0.91
CAK MKU B . 6.78 0.03 1.25
CAN MKU B . 7.20 -1.30 0.65
CAW MKU B . 7.08 -2.36 1.57
CBC MKU B . 8.14 -2.87 2.38
CAY MKU B . 9.46 -2.35 2.41
OAF MKU B . 9.80 -1.34 1.78
CBB MKU B . 10.41 -2.96 3.22
CAT MKU B . 11.72 -2.50 3.24
OAH MKU B . 12.06 -1.44 2.46
CAV MKU B . 12.72 -3.10 4.01
CAI MKU B . 14.02 -2.57 3.96
CAJ MKU B . 14.76 -2.89 5.22
CBD MKU B . 14.72 -4.39 5.40
CAD MKU B . 15.34 -5.06 4.17
CAE MKU B . 15.52 -4.79 6.64
OAP MKU B . 13.33 -4.80 5.58
CAU MKU B . 12.38 -4.20 4.79
CAM MKU B . 11.06 -4.68 4.79
CBA MKU B . 10.10 -4.06 4.01
OAQ MKU B . 8.82 -4.51 4.01
CAZ MKU B . 7.85 -3.95 3.21
CAL MKU B . 6.60 -4.54 3.27
CAS MKU B . 5.58 -4.05 2.48
OAG MKU B . 4.33 -4.60 2.53
CAX MKU B . 5.83 -2.97 1.65
OAO MKU B . 4.82 -2.49 0.86
CAA MKU B . 3.81 -1.73 1.55
ZN ZN C . 1.33 9.49 9.32
ZN ZN D . 8.40 15.80 5.35
ZN ZN E . -12.21 1.77 -0.86
S SO4 F . 4.68 16.68 9.98
O1 SO4 F . 6.02 17.15 10.33
O2 SO4 F . 3.73 17.23 10.94
O3 SO4 F . 4.32 17.12 8.64
O4 SO4 F . 4.65 15.23 10.05
#